data_5NZ5
#
_entry.id   5NZ5
#
_cell.length_a   75.399
_cell.length_b   114.996
_cell.length_c   65.589
_cell.angle_alpha   90.000
_cell.angle_beta   90.000
_cell.angle_gamma   90.000
#
_symmetry.space_group_name_H-M   'C 2 2 21'
#
loop_
_entity.id
_entity.type
_entity.pdbx_description
1 polymer Amidase
2 water water
#
_entity_poly.entity_id   1
_entity_poly.type   'polypeptide(L)'
_entity_poly.pdbx_seq_one_letter_code
;MGSSHHHHHHSSGLVPRGSHMRIALMQHTARPLDPQHNLDLIDDAAARASEQGAQLLLTPELFGFGYVPSQICAQVSAEQ
VDAARSRLRGIARDRGIALVWSLPGPEGPEQRGITAELADEHGEVLASYQKVQLYGPEEKAAFVPGEQPPPVLSWGGRQL
SLLVSYDVEFPEMVRAAAARGAQLVLVPTALAGDETSVPGILLPARAVENGITLAYANHCGPEGGLVFDGGSVVVGPAGQ
PLGELGVEPGLLVVDLPDQSQDAGSDSADYLQDRRAELHRNWL
;
_entity_poly.pdbx_strand_id   A
#
# COMPACT_ATOMS: atom_id res chain seq x y z
N GLY A 13 -16.07 16.63 2.63
CA GLY A 13 -16.91 17.58 3.48
C GLY A 13 -16.23 18.15 4.73
N LEU A 14 -16.97 18.99 5.47
CA LEU A 14 -16.62 19.15 6.88
C LEU A 14 -16.51 17.76 7.52
N VAL A 15 -15.58 17.64 8.45
CA VAL A 15 -15.42 16.37 9.22
C VAL A 15 -16.84 15.95 9.75
N PRO A 16 -17.31 14.73 9.43
CA PRO A 16 -18.69 14.39 9.91
C PRO A 16 -18.68 14.08 11.41
N SER A 19 -17.30 9.69 12.71
CA SER A 19 -15.96 9.60 12.08
C SER A 19 -14.83 10.50 12.63
N HIS A 20 -13.79 9.87 13.14
CA HIS A 20 -12.64 10.55 13.59
C HIS A 20 -11.49 10.03 12.77
N MET A 21 -11.73 9.36 11.61
CA MET A 21 -10.57 9.08 10.74
C MET A 21 -10.89 9.31 9.23
N ARG A 22 -10.10 10.17 8.63
CA ARG A 22 -10.25 10.46 7.21
C ARG A 22 -8.93 10.09 6.60
N ILE A 23 -8.99 9.19 5.57
CA ILE A 23 -7.82 8.72 4.83
C ILE A 23 -7.85 9.15 3.38
N ALA A 24 -6.69 9.18 2.75
CA ALA A 24 -6.58 9.51 1.33
C ALA A 24 -5.74 8.44 0.67
N LEU A 25 -6.10 8.19 -0.59
CA LEU A 25 -5.31 7.28 -1.46
C LEU A 25 -4.88 8.04 -2.70
N MET A 26 -3.64 7.99 -3.01
CA MET A 26 -3.11 8.59 -4.26
CA MET A 26 -3.13 8.58 -4.24
C MET A 26 -3.06 7.55 -5.37
N GLN A 27 -3.68 7.86 -6.47
CA GLN A 27 -3.66 7.06 -7.69
C GLN A 27 -3.04 7.87 -8.76
N HIS A 28 -1.93 7.46 -9.33
CA HIS A 28 -1.27 8.26 -10.37
C HIS A 28 -0.36 7.37 -11.19
N THR A 29 0.28 7.94 -12.17
CA THR A 29 1.23 7.31 -13.07
C THR A 29 2.60 7.75 -12.68
N ALA A 30 3.53 6.80 -12.46
CA ALA A 30 4.93 7.13 -12.20
C ALA A 30 5.77 7.09 -13.49
N ARG A 31 6.88 7.82 -13.48
CA ARG A 31 7.85 7.74 -14.59
C ARG A 31 8.96 6.82 -14.11
N PRO A 32 9.27 5.75 -14.86
CA PRO A 32 10.32 4.88 -14.50
C PRO A 32 11.62 5.57 -14.20
N LEU A 33 12.27 5.29 -13.09
CA LEU A 33 13.61 5.75 -12.78
C LEU A 33 13.69 7.27 -12.64
N ASP A 34 12.58 7.91 -12.31
CA ASP A 34 12.56 9.36 -12.09
C ASP A 34 11.97 9.71 -10.72
N PRO A 35 12.73 9.46 -9.65
CA PRO A 35 12.27 9.75 -8.32
C PRO A 35 11.95 11.19 -8.04
N GLN A 36 12.66 12.12 -8.66
CA GLN A 36 12.28 13.50 -8.40
C GLN A 36 10.95 13.79 -8.86
N HIS A 37 10.56 13.37 -10.04
CA HIS A 37 9.23 13.53 -10.58
C HIS A 37 8.17 12.78 -9.73
N ASN A 38 8.49 11.53 -9.43
CA ASN A 38 7.45 10.72 -8.75
C ASN A 38 7.27 11.16 -7.31
N LEU A 39 8.33 11.58 -6.63
CA LEU A 39 8.17 12.06 -5.26
C LEU A 39 7.54 13.45 -5.26
N ASP A 40 7.72 14.25 -6.31
CA ASP A 40 7.01 15.50 -6.44
C ASP A 40 5.51 15.22 -6.51
N LEU A 41 5.08 14.17 -7.25
CA LEU A 41 3.71 13.82 -7.26
C LEU A 41 3.17 13.43 -5.86
N ILE A 42 3.94 12.65 -5.12
CA ILE A 42 3.53 12.25 -3.77
C ILE A 42 3.42 13.52 -2.88
N ASP A 43 4.37 14.46 -2.99
CA ASP A 43 4.31 15.69 -2.15
C ASP A 43 3.06 16.42 -2.50
N ASP A 44 2.71 16.56 -3.78
CA ASP A 44 1.52 17.27 -4.24
CA ASP A 44 1.52 17.27 -4.19
C ASP A 44 0.28 16.63 -3.59
N ALA A 45 0.21 15.28 -3.68
CA ALA A 45 -0.95 14.58 -3.11
C ALA A 45 -1.03 14.70 -1.62
N ALA A 46 0.11 14.69 -0.97
CA ALA A 46 0.13 14.84 0.52
C ALA A 46 -0.44 16.22 0.90
N ALA A 47 -0.01 17.23 0.17
CA ALA A 47 -0.52 18.61 0.45
C ALA A 47 -1.98 18.66 0.24
N ARG A 48 -2.49 18.14 -0.91
CA ARG A 48 -3.87 18.17 -1.16
C ARG A 48 -4.71 17.33 -0.20
N ALA A 49 -4.18 16.18 0.19
CA ALA A 49 -4.92 15.38 1.16
C ALA A 49 -5.00 16.10 2.48
N SER A 50 -3.92 16.71 2.93
CA SER A 50 -3.92 17.45 4.19
C SER A 50 -4.90 18.63 4.17
N GLU A 51 -4.96 19.29 3.03
CA GLU A 51 -5.94 20.38 2.88
C GLU A 51 -7.33 19.97 3.03
N GLN A 52 -7.67 18.72 2.62
CA GLN A 52 -8.96 18.15 2.76
C GLN A 52 -9.20 17.49 4.09
N GLY A 53 -8.30 17.65 5.01
CA GLY A 53 -8.50 17.07 6.37
C GLY A 53 -8.19 15.62 6.47
N ALA A 54 -7.54 15.03 5.47
CA ALA A 54 -7.08 13.68 5.68
C ALA A 54 -5.93 13.63 6.63
N GLN A 55 -5.88 12.53 7.43
CA GLN A 55 -4.88 12.32 8.38
C GLN A 55 -3.73 11.37 7.98
N LEU A 56 -4.02 10.64 6.86
CA LEU A 56 -3.08 9.68 6.33
C LEU A 56 -3.26 9.62 4.82
N LEU A 57 -2.13 9.50 4.12
CA LEU A 57 -2.10 9.23 2.69
C LEU A 57 -1.41 7.92 2.41
N LEU A 58 -2.11 7.10 1.60
CA LEU A 58 -1.59 5.81 1.10
C LEU A 58 -1.19 6.01 -0.39
N THR A 59 0.00 5.58 -0.72
CA THR A 59 0.52 5.72 -2.08
C THR A 59 0.92 4.37 -2.64
N PRO A 60 1.12 4.23 -3.95
CA PRO A 60 1.18 2.88 -4.59
C PRO A 60 2.51 2.22 -4.50
N GLU A 61 2.53 0.92 -4.92
CA GLU A 61 3.73 0.06 -4.81
C GLU A 61 4.87 0.60 -5.67
N LEU A 62 6.06 0.68 -5.08
CA LEU A 62 7.23 1.12 -5.82
C LEU A 62 7.01 2.42 -6.54
N PHE A 63 6.20 3.31 -6.02
CA PHE A 63 5.88 4.52 -6.86
C PHE A 63 7.11 5.36 -7.09
N GLY A 64 8.05 5.48 -6.23
CA GLY A 64 9.07 6.45 -6.22
C GLY A 64 9.96 6.17 -7.40
N PHE A 65 10.22 4.93 -7.75
CA PHE A 65 11.06 4.61 -8.93
C PHE A 65 10.28 4.06 -10.10
N GLY A 66 8.97 3.99 -10.01
CA GLY A 66 8.15 3.31 -10.99
C GLY A 66 8.13 1.80 -10.73
N TYR A 67 7.10 1.16 -11.21
CA TYR A 67 7.01 -0.31 -11.12
C TYR A 67 7.82 -0.87 -12.30
N VAL A 68 9.11 -0.96 -12.09
CA VAL A 68 10.05 -1.51 -13.09
C VAL A 68 11.08 -2.41 -12.39
N PRO A 69 10.60 -3.62 -11.89
CA PRO A 69 11.48 -4.42 -11.08
C PRO A 69 12.91 -4.70 -11.64
N SER A 70 12.98 -5.14 -12.91
CA SER A 70 14.29 -5.51 -13.45
CA SER A 70 14.29 -5.50 -13.47
C SER A 70 15.22 -4.27 -13.49
N GLN A 71 14.67 -3.06 -13.82
CA GLN A 71 15.45 -1.92 -13.85
C GLN A 71 15.87 -1.32 -12.54
N ILE A 72 14.99 -1.58 -11.49
CA ILE A 72 15.36 -1.20 -10.19
C ILE A 72 16.55 -2.03 -9.71
N CYS A 73 16.52 -3.32 -9.97
CA CYS A 73 17.62 -4.20 -9.66
CA CYS A 73 17.67 -4.08 -9.57
C CYS A 73 18.92 -3.76 -10.37
N ALA A 74 18.77 -3.46 -11.63
CA ALA A 74 20.01 -3.14 -12.44
C ALA A 74 20.52 -1.77 -12.22
N GLN A 75 19.72 -0.73 -11.89
CA GLN A 75 20.10 0.65 -11.91
C GLN A 75 19.97 1.45 -10.69
N VAL A 76 19.14 0.99 -9.72
CA VAL A 76 18.86 1.84 -8.56
C VAL A 76 19.65 1.42 -7.38
N SER A 77 20.58 2.26 -6.94
CA SER A 77 21.46 1.95 -5.86
C SER A 77 20.80 2.12 -4.49
N ALA A 78 21.43 1.53 -3.48
CA ALA A 78 20.96 1.68 -2.14
C ALA A 78 21.01 3.13 -1.72
N GLU A 79 22.02 3.92 -2.13
CA GLU A 79 22.02 5.32 -1.83
C GLU A 79 20.89 6.08 -2.44
N GLN A 80 20.52 5.75 -3.68
CA GLN A 80 19.38 6.38 -4.30
C GLN A 80 18.03 6.03 -3.57
N VAL A 81 17.98 4.76 -3.14
CA VAL A 81 16.80 4.40 -2.31
C VAL A 81 16.71 5.21 -1.05
N ASP A 82 17.82 5.30 -0.34
CA ASP A 82 17.85 6.03 0.93
C ASP A 82 17.49 7.52 0.75
N ALA A 83 17.94 8.12 -0.36
CA ALA A 83 17.61 9.52 -0.68
C ALA A 83 16.11 9.71 -0.88
N ALA A 84 15.54 8.71 -1.56
CA ALA A 84 14.07 8.74 -1.75
C ALA A 84 13.32 8.58 -0.41
N ARG A 85 13.81 7.63 0.40
CA ARG A 85 13.21 7.43 1.72
C ARG A 85 13.26 8.67 2.57
N SER A 86 14.42 9.35 2.56
CA SER A 86 14.56 10.59 3.33
CA SER A 86 14.58 10.59 3.34
C SER A 86 13.61 11.64 2.85
N ARG A 87 13.44 11.71 1.53
CA ARG A 87 12.54 12.68 0.92
C ARG A 87 11.11 12.43 1.38
N LEU A 88 10.71 11.16 1.38
CA LEU A 88 9.36 10.80 1.80
C LEU A 88 9.08 11.05 3.26
N ARG A 89 10.07 10.76 4.13
CA ARG A 89 9.95 11.11 5.56
CA ARG A 89 9.96 11.08 5.56
C ARG A 89 9.73 12.59 5.70
N GLY A 90 10.46 13.38 4.95
CA GLY A 90 10.30 14.83 4.93
C GLY A 90 8.98 15.33 4.46
N ILE A 91 8.34 14.61 3.53
CA ILE A 91 7.04 14.93 3.08
C ILE A 91 5.98 14.72 4.18
N ALA A 92 6.03 13.58 4.85
CA ALA A 92 5.19 13.30 5.98
C ALA A 92 5.23 14.46 7.01
N ARG A 93 6.45 14.74 7.38
CA ARG A 93 6.67 15.83 8.39
C ARG A 93 6.21 17.16 7.86
N ASP A 94 6.56 17.56 6.68
CA ASP A 94 6.38 18.94 6.19
C ASP A 94 4.97 19.18 5.74
N ARG A 95 4.30 18.12 5.25
CA ARG A 95 2.87 18.19 4.96
C ARG A 95 1.97 17.79 6.10
N GLY A 96 2.54 17.42 7.19
CA GLY A 96 1.78 17.14 8.39
C GLY A 96 0.71 16.09 8.25
N ILE A 97 1.14 14.95 7.60
CA ILE A 97 0.18 13.86 7.34
C ILE A 97 0.92 12.55 7.46
N ALA A 98 0.29 11.53 8.04
CA ALA A 98 0.89 10.19 8.01
C ALA A 98 0.92 9.74 6.53
N LEU A 99 1.94 8.95 6.24
CA LEU A 99 2.23 8.59 4.85
C LEU A 99 2.62 7.16 4.81
N VAL A 100 2.02 6.40 3.90
CA VAL A 100 2.47 5.06 3.57
C VAL A 100 3.06 5.08 2.17
N TRP A 101 4.28 4.67 2.11
CA TRP A 101 4.94 4.54 0.80
C TRP A 101 5.49 3.18 0.62
N SER A 102 5.99 2.91 -0.60
CA SER A 102 6.61 1.64 -0.92
C SER A 102 7.81 1.80 -1.81
N LEU A 103 8.97 1.41 -1.30
CA LEU A 103 10.25 1.51 -1.98
C LEU A 103 10.91 0.14 -1.94
N PRO A 104 11.99 -0.06 -2.70
CA PRO A 104 12.89 -1.15 -2.38
C PRO A 104 13.38 -1.04 -0.96
N GLY A 105 13.75 -2.13 -0.34
CA GLY A 105 14.35 -2.14 0.95
C GLY A 105 15.73 -1.57 0.94
N PRO A 106 16.25 -1.49 2.18
CA PRO A 106 17.58 -0.59 2.29
C PRO A 106 18.85 -1.34 1.94
N GLU A 107 18.87 -2.60 1.77
CA GLU A 107 20.10 -3.37 1.50
C GLU A 107 20.57 -3.20 0.09
N GLY A 108 21.67 -3.86 -0.25
CA GLY A 108 22.10 -3.83 -1.61
C GLY A 108 21.08 -4.35 -2.62
N PRO A 109 21.26 -4.07 -3.89
CA PRO A 109 20.32 -4.51 -4.91
C PRO A 109 20.03 -5.93 -4.96
N GLU A 110 20.98 -6.80 -4.59
CA GLU A 110 20.82 -8.22 -4.60
C GLU A 110 20.25 -8.86 -3.35
N GLN A 111 20.09 -8.07 -2.31
CA GLN A 111 19.69 -8.48 -0.96
C GLN A 111 18.41 -7.84 -0.46
N ARG A 112 17.87 -6.90 -1.19
CA ARG A 112 16.66 -6.18 -0.69
C ARG A 112 15.37 -6.70 -1.31
N GLY A 113 14.30 -6.39 -0.58
CA GLY A 113 12.95 -6.72 -1.07
C GLY A 113 12.19 -5.49 -1.51
N ILE A 114 10.88 -5.70 -1.71
CA ILE A 114 9.94 -4.61 -1.87
C ILE A 114 9.29 -4.29 -0.54
N THR A 115 9.26 -3.09 -0.11
CA THR A 115 8.78 -2.75 1.21
C THR A 115 7.69 -1.81 1.21
N ALA A 116 6.99 -1.66 2.35
CA ALA A 116 6.06 -0.58 2.61
C ALA A 116 6.42 -0.01 3.96
N GLU A 117 6.34 1.28 4.12
CA GLU A 117 6.59 1.88 5.39
C GLU A 117 5.55 2.89 5.68
N LEU A 118 5.27 3.05 6.99
CA LEU A 118 4.34 4.08 7.49
C LEU A 118 5.11 5.10 8.32
N ALA A 119 5.02 6.34 7.98
CA ALA A 119 5.49 7.47 8.83
C ALA A 119 4.33 8.21 9.32
N ASP A 120 4.43 8.65 10.59
CA ASP A 120 3.37 9.46 11.10
C ASP A 120 3.55 10.89 10.69
N GLU A 121 2.60 11.74 11.14
CA GLU A 121 2.58 13.16 10.74
C GLU A 121 3.72 13.98 11.25
N HIS A 122 4.51 13.43 12.16
CA HIS A 122 5.78 13.99 12.61
C HIS A 122 6.97 13.54 11.91
N GLY A 123 6.81 12.63 10.91
CA GLY A 123 7.90 12.05 10.27
C GLY A 123 8.58 10.89 10.95
N GLU A 124 8.00 10.36 12.03
CA GLU A 124 8.61 9.19 12.63
C GLU A 124 8.14 7.93 11.84
N VAL A 125 9.08 7.04 11.55
CA VAL A 125 8.73 5.78 10.87
C VAL A 125 8.22 4.85 11.85
N LEU A 126 6.95 4.54 11.84
CA LEU A 126 6.32 3.67 12.81
C LEU A 126 6.48 2.21 12.51
N ALA A 127 6.45 1.87 11.18
CA ALA A 127 6.49 0.49 10.80
C ALA A 127 7.00 0.29 9.39
N SER A 128 7.64 -0.85 9.20
CA SER A 128 8.30 -1.25 7.98
C SER A 128 7.90 -2.66 7.67
N TYR A 129 7.59 -3.03 6.47
CA TYR A 129 7.16 -4.38 6.11
C TYR A 129 7.75 -4.74 4.81
N GLN A 130 8.18 -5.97 4.64
CA GLN A 130 8.77 -6.46 3.43
C GLN A 130 7.82 -7.46 2.79
N LYS A 131 7.40 -7.19 1.57
CA LYS A 131 6.48 -8.02 0.79
C LYS A 131 6.85 -9.48 0.82
N VAL A 132 5.96 -10.34 1.27
CA VAL A 132 6.20 -11.77 1.45
C VAL A 132 5.94 -12.52 0.15
N GLN A 133 4.87 -12.11 -0.58
CA GLN A 133 4.43 -12.82 -1.79
C GLN A 133 4.82 -12.04 -3.04
N LEU A 134 5.93 -12.37 -3.64
CA LEU A 134 6.40 -11.73 -4.88
C LEU A 134 5.65 -12.30 -6.04
N TYR A 135 5.36 -11.45 -7.02
CA TYR A 135 4.59 -11.79 -8.15
C TYR A 135 5.42 -11.95 -9.42
N GLY A 136 5.48 -13.16 -9.97
CA GLY A 136 6.10 -13.34 -11.24
C GLY A 136 7.62 -13.38 -11.22
N PRO A 137 8.22 -13.75 -12.35
CA PRO A 137 9.59 -13.99 -12.37
C PRO A 137 10.45 -12.77 -12.30
N GLU A 138 9.92 -11.59 -12.79
CA GLU A 138 10.70 -10.38 -12.73
C GLU A 138 10.87 -9.88 -11.29
N GLU A 139 9.78 -9.87 -10.52
CA GLU A 139 9.94 -9.57 -9.12
C GLU A 139 10.85 -10.55 -8.36
N LYS A 140 10.67 -11.82 -8.69
CA LYS A 140 11.48 -12.81 -7.96
C LYS A 140 12.95 -12.77 -8.36
N ALA A 141 13.30 -12.24 -9.50
CA ALA A 141 14.68 -11.99 -9.80
C ALA A 141 15.23 -10.76 -9.21
N ALA A 142 14.40 -9.74 -9.08
CA ALA A 142 14.87 -8.47 -8.62
C ALA A 142 14.92 -8.21 -7.14
N PHE A 143 14.13 -9.02 -6.38
CA PHE A 143 13.87 -8.79 -4.97
C PHE A 143 13.86 -10.11 -4.17
N VAL A 144 14.18 -9.96 -2.91
CA VAL A 144 14.15 -11.02 -1.90
C VAL A 144 12.78 -11.02 -1.22
N PRO A 145 12.09 -12.15 -1.14
CA PRO A 145 10.82 -12.14 -0.41
C PRO A 145 10.99 -11.88 1.05
N GLY A 146 10.01 -11.22 1.68
CA GLY A 146 10.00 -11.06 3.10
C GLY A 146 9.69 -12.41 3.83
N GLU A 147 10.10 -12.38 5.11
CA GLU A 147 9.98 -13.56 5.97
C GLU A 147 9.26 -13.28 7.22
N GLN A 148 8.67 -12.12 7.43
CA GLN A 148 8.05 -11.69 8.68
C GLN A 148 6.57 -11.40 8.49
N PRO A 149 5.74 -11.63 9.45
CA PRO A 149 4.34 -11.33 9.31
C PRO A 149 4.07 -9.82 9.24
N PRO A 150 2.91 -9.42 8.77
CA PRO A 150 2.58 -8.01 8.69
C PRO A 150 2.57 -7.34 10.04
N PRO A 151 3.00 -6.12 10.16
CA PRO A 151 2.97 -5.39 11.43
C PRO A 151 1.61 -4.91 11.71
N VAL A 152 1.24 -4.74 12.98
CA VAL A 152 -0.05 -4.22 13.38
C VAL A 152 0.22 -3.18 14.45
N LEU A 153 -0.32 -1.97 14.33
CA LEU A 153 -0.01 -0.88 15.28
C LEU A 153 -1.11 0.03 15.47
N SER A 154 -1.26 0.65 16.67
CA SER A 154 -2.28 1.65 16.91
C SER A 154 -1.98 2.98 16.21
N TRP A 155 -2.93 3.47 15.49
CA TRP A 155 -2.79 4.85 14.97
C TRP A 155 -4.10 5.33 14.72
N GLY A 156 -4.30 6.59 15.21
CA GLY A 156 -5.53 7.21 14.88
C GLY A 156 -6.77 6.62 15.46
N GLY A 157 -6.65 5.84 16.53
CA GLY A 157 -7.76 5.16 17.11
C GLY A 157 -8.11 3.74 16.70
N ARG A 158 -7.32 3.16 15.81
CA ARG A 158 -7.53 1.81 15.31
C ARG A 158 -6.17 1.13 15.18
N GLN A 159 -6.24 -0.20 14.92
CA GLN A 159 -5.08 -1.00 14.63
C GLN A 159 -4.89 -1.08 13.13
N LEU A 160 -3.80 -0.58 12.69
CA LEU A 160 -3.44 -0.50 11.22
C LEU A 160 -2.47 -1.56 10.94
N SER A 161 -2.43 -2.06 9.71
CA SER A 161 -1.46 -3.01 9.22
C SER A 161 -1.08 -2.67 7.75
N LEU A 162 -0.03 -3.28 7.29
CA LEU A 162 0.54 -3.09 5.94
C LEU A 162 0.66 -4.38 5.23
N LEU A 163 0.28 -4.38 3.94
CA LEU A 163 0.64 -5.49 3.05
C LEU A 163 0.93 -4.88 1.70
N VAL A 164 1.52 -5.60 0.76
CA VAL A 164 1.82 -5.03 -0.56
C VAL A 164 1.24 -5.87 -1.63
N SER A 165 0.47 -5.25 -2.52
CA SER A 165 -0.13 -5.83 -3.74
C SER A 165 -0.49 -7.32 -3.65
N TYR A 166 0.31 -8.14 -4.31
CA TYR A 166 -0.05 -9.60 -4.42
C TYR A 166 -0.31 -10.27 -3.09
N ASP A 167 0.32 -9.79 -2.04
CA ASP A 167 0.06 -10.30 -0.67
C ASP A 167 -1.42 -10.39 -0.42
N VAL A 168 -2.21 -9.36 -0.73
CA VAL A 168 -3.61 -9.28 -0.34
C VAL A 168 -4.45 -10.38 -1.03
N GLU A 169 -3.95 -10.90 -2.11
CA GLU A 169 -4.65 -11.94 -2.85
C GLU A 169 -4.62 -13.26 -2.13
N PHE A 170 -3.77 -13.39 -1.14
CA PHE A 170 -3.69 -14.63 -0.31
C PHE A 170 -4.49 -14.41 0.91
N PRO A 171 -5.55 -15.18 1.20
CA PRO A 171 -6.25 -15.01 2.39
C PRO A 171 -5.37 -15.11 3.62
N GLU A 172 -4.38 -15.97 3.57
CA GLU A 172 -3.45 -16.15 4.69
C GLU A 172 -2.79 -14.89 5.13
N MET A 173 -2.45 -14.04 4.18
CA MET A 173 -1.71 -12.81 4.52
C MET A 173 -2.59 -11.87 5.26
N VAL A 174 -3.84 -11.68 4.86
CA VAL A 174 -4.74 -10.80 5.53
C VAL A 174 -5.15 -11.38 6.84
N ARG A 175 -5.36 -12.71 6.91
CA ARG A 175 -5.64 -13.35 8.18
C ARG A 175 -4.48 -13.16 9.15
N ALA A 176 -3.27 -13.20 8.65
CA ALA A 176 -2.11 -13.00 9.54
C ALA A 176 -2.20 -11.63 10.17
N ALA A 177 -2.58 -10.57 9.45
CA ALA A 177 -2.75 -9.28 10.02
C ALA A 177 -3.89 -9.22 10.97
N ALA A 178 -5.07 -9.70 10.58
CA ALA A 178 -6.19 -9.68 11.43
C ALA A 178 -6.01 -10.47 12.75
N ALA A 179 -5.24 -11.55 12.67
CA ALA A 179 -4.98 -12.37 13.88
C ALA A 179 -4.21 -11.58 14.91
N ARG A 180 -3.38 -10.66 14.46
CA ARG A 180 -2.66 -9.72 15.31
CA ARG A 180 -2.66 -9.74 15.38
C ARG A 180 -3.45 -8.43 15.92
N GLY A 181 -4.65 -8.39 15.34
CA GLY A 181 -5.53 -7.31 15.74
C GLY A 181 -5.81 -6.26 14.73
N ALA A 182 -5.35 -6.44 13.49
CA ALA A 182 -5.60 -5.41 12.51
C ALA A 182 -7.05 -5.14 12.25
N GLN A 183 -7.35 -3.89 12.09
CA GLN A 183 -8.66 -3.40 11.75
C GLN A 183 -8.69 -2.70 10.42
N LEU A 184 -7.62 -2.11 10.03
CA LEU A 184 -7.45 -1.32 8.79
C LEU A 184 -6.20 -1.75 8.14
N VAL A 185 -6.24 -2.38 6.97
CA VAL A 185 -5.09 -2.88 6.29
C VAL A 185 -4.83 -2.01 5.07
N LEU A 186 -3.66 -1.43 4.96
CA LEU A 186 -3.29 -0.47 3.95
C LEU A 186 -2.34 -1.14 2.99
N VAL A 187 -2.68 -1.05 1.65
CA VAL A 187 -2.05 -1.87 0.63
C VAL A 187 -1.64 -1.01 -0.56
N PRO A 188 -0.40 -0.61 -0.63
CA PRO A 188 0.17 -0.08 -1.89
C PRO A 188 0.07 -1.16 -2.90
N THR A 189 -0.31 -0.84 -4.16
CA THR A 189 -0.34 -1.88 -5.20
C THR A 189 0.10 -1.38 -6.55
N ALA A 190 0.19 -2.28 -7.51
CA ALA A 190 0.60 -1.96 -8.87
C ALA A 190 -0.02 -3.02 -9.70
N LEU A 191 -1.23 -2.90 -10.04
CA LEU A 191 -2.08 -3.91 -10.68
C LEU A 191 -2.40 -3.42 -12.11
N ALA A 192 -1.94 -4.20 -13.12
CA ALA A 192 -2.16 -3.92 -14.55
C ALA A 192 -2.76 -5.16 -15.20
N GLY A 193 -3.27 -4.88 -16.40
CA GLY A 193 -3.81 -6.01 -17.16
C GLY A 193 -5.26 -6.27 -17.03
N ASP A 194 -5.98 -5.28 -16.60
N ASP A 194 -6.00 -5.32 -16.59
CA ASP A 194 -7.42 -5.32 -16.43
CA ASP A 194 -7.47 -5.45 -16.41
C ASP A 194 -7.82 -6.53 -15.58
C ASP A 194 -7.84 -6.59 -15.55
N GLU A 195 -7.18 -6.66 -14.39
CA GLU A 195 -7.38 -7.70 -13.47
C GLU A 195 -8.47 -7.33 -12.50
N THR A 196 -9.70 -7.39 -13.00
CA THR A 196 -10.84 -6.95 -12.25
C THR A 196 -11.14 -7.80 -11.06
N SER A 197 -10.72 -9.04 -11.03
CA SER A 197 -11.06 -9.92 -9.96
C SER A 197 -10.41 -9.52 -8.62
N VAL A 198 -9.29 -8.82 -8.71
CA VAL A 198 -8.63 -8.51 -7.41
C VAL A 198 -9.45 -7.56 -6.64
N PRO A 199 -9.74 -6.32 -7.14
CA PRO A 199 -10.57 -5.44 -6.39
C PRO A 199 -12.01 -5.79 -6.38
N GLY A 200 -12.49 -6.51 -7.39
CA GLY A 200 -13.86 -6.83 -7.51
C GLY A 200 -14.38 -8.01 -6.70
N ILE A 201 -13.50 -9.01 -6.60
CA ILE A 201 -13.87 -10.29 -5.99
C ILE A 201 -13.01 -10.56 -4.68
N LEU A 202 -11.71 -10.42 -4.85
CA LEU A 202 -10.88 -10.81 -3.68
C LEU A 202 -10.92 -9.80 -2.55
N LEU A 203 -10.81 -8.47 -2.83
CA LEU A 203 -10.75 -7.52 -1.75
C LEU A 203 -11.98 -7.53 -0.91
N PRO A 204 -13.22 -7.60 -1.48
CA PRO A 204 -14.43 -7.63 -0.68
C PRO A 204 -14.43 -8.83 0.25
N ALA A 205 -13.95 -9.98 -0.25
CA ALA A 205 -13.90 -11.15 0.63
C ALA A 205 -12.89 -11.02 1.76
N ARG A 206 -11.72 -10.46 1.47
CA ARG A 206 -10.75 -10.23 2.51
C ARG A 206 -11.30 -9.39 3.62
N ALA A 207 -12.11 -8.40 3.30
CA ALA A 207 -12.81 -7.56 4.29
C ALA A 207 -13.80 -8.31 5.06
N VAL A 208 -14.73 -8.99 4.35
CA VAL A 208 -15.77 -9.72 5.08
C VAL A 208 -15.25 -10.86 5.92
N GLU A 209 -14.30 -11.61 5.39
CA GLU A 209 -13.93 -12.85 6.07
C GLU A 209 -13.13 -12.56 7.32
N ASN A 210 -12.61 -11.34 7.51
CA ASN A 210 -11.93 -10.90 8.72
C ASN A 210 -12.67 -9.86 9.49
N GLY A 211 -13.70 -9.25 8.94
CA GLY A 211 -14.36 -8.06 9.55
C GLY A 211 -13.52 -6.84 9.63
N ILE A 212 -12.82 -6.50 8.57
CA ILE A 212 -11.84 -5.41 8.55
C ILE A 212 -12.13 -4.50 7.39
N THR A 213 -11.45 -3.36 7.37
CA THR A 213 -11.43 -2.42 6.24
C THR A 213 -10.11 -2.53 5.55
N LEU A 214 -10.07 -2.44 4.22
CA LEU A 214 -8.85 -2.51 3.45
C LEU A 214 -8.79 -1.30 2.53
N ALA A 215 -7.64 -0.71 2.34
CA ALA A 215 -7.43 0.37 1.36
C ALA A 215 -6.37 -0.07 0.40
N TYR A 216 -6.60 0.15 -0.89
CA TYR A 216 -5.86 -0.44 -2.00
C TYR A 216 -5.52 0.68 -3.01
N ALA A 217 -4.29 1.16 -3.03
CA ALA A 217 -3.90 2.33 -3.81
C ALA A 217 -3.03 1.91 -4.97
N ASN A 218 -3.58 2.08 -6.18
CA ASN A 218 -2.93 1.58 -7.40
C ASN A 218 -2.35 2.72 -8.24
N HIS A 219 -1.36 2.32 -9.08
CA HIS A 219 -1.01 3.15 -10.27
C HIS A 219 -2.22 3.13 -11.19
N CYS A 220 -2.09 4.05 -12.19
CA CYS A 220 -3.00 4.09 -13.35
C CYS A 220 -2.23 4.60 -14.58
N GLY A 221 -2.72 4.11 -15.69
CA GLY A 221 -2.10 4.69 -16.92
C GLY A 221 -0.81 4.00 -17.35
N PRO A 222 -0.09 4.70 -18.32
N PRO A 222 -0.57 3.95 -18.64
CA PRO A 222 1.00 4.02 -19.02
CA PRO A 222 0.67 3.23 -18.99
C PRO A 222 2.25 4.13 -18.20
C PRO A 222 1.92 3.79 -18.25
N GLU A 223 2.79 2.92 -17.78
CA GLU A 223 4.02 3.08 -17.05
C GLU A 223 4.84 1.82 -17.20
N GLY A 224 6.13 1.97 -17.60
CA GLY A 224 7.05 0.83 -17.59
C GLY A 224 6.60 -0.31 -18.48
N GLY A 225 5.91 -0.04 -19.57
CA GLY A 225 5.47 -1.08 -20.48
C GLY A 225 4.15 -1.73 -20.22
N LEU A 226 3.49 -1.29 -19.09
CA LEU A 226 2.20 -1.81 -18.68
C LEU A 226 1.20 -0.60 -18.62
N VAL A 227 -0.06 -0.98 -18.68
CA VAL A 227 -1.16 -0.03 -18.45
C VAL A 227 -1.87 -0.48 -17.18
N PHE A 228 -1.56 0.36 -16.14
CA PHE A 228 -2.17 0.05 -14.82
C PHE A 228 -3.62 0.37 -14.71
N ASP A 229 -4.31 -0.41 -13.94
CA ASP A 229 -5.79 -0.45 -13.95
C ASP A 229 -6.46 0.71 -13.25
N GLY A 230 -5.73 1.43 -12.39
CA GLY A 230 -6.42 2.33 -11.45
C GLY A 230 -7.31 1.51 -10.55
N GLY A 231 -8.55 1.94 -10.32
CA GLY A 231 -9.44 1.23 -9.51
C GLY A 231 -9.11 1.23 -8.02
N SER A 232 -8.40 2.21 -7.56
CA SER A 232 -8.12 2.35 -6.13
C SER A 232 -9.37 2.35 -5.33
N VAL A 233 -9.43 1.70 -4.19
CA VAL A 233 -10.71 1.50 -3.47
C VAL A 233 -10.44 1.34 -1.99
N VAL A 234 -11.39 1.73 -1.21
CA VAL A 234 -11.44 1.42 0.20
C VAL A 234 -12.67 0.54 0.41
N VAL A 235 -12.48 -0.64 0.96
CA VAL A 235 -13.55 -1.60 1.19
C VAL A 235 -13.80 -1.77 2.65
N GLY A 236 -15.06 -1.59 3.11
CA GLY A 236 -15.44 -1.73 4.52
C GLY A 236 -15.72 -3.19 4.91
N PRO A 237 -15.98 -3.42 6.18
CA PRO A 237 -16.16 -4.79 6.69
C PRO A 237 -17.31 -5.56 6.14
N ALA A 238 -18.29 -4.94 5.54
CA ALA A 238 -19.31 -5.60 4.78
C ALA A 238 -19.01 -5.91 3.37
N GLY A 239 -17.78 -5.59 2.96
CA GLY A 239 -17.36 -5.82 1.63
C GLY A 239 -17.73 -4.78 0.56
N GLN A 240 -18.25 -3.67 1.06
N GLN A 240 -18.30 -3.68 0.98
CA GLN A 240 -18.83 -2.56 0.28
CA GLN A 240 -18.76 -2.70 0.00
C GLN A 240 -17.75 -1.53 0.00
C GLN A 240 -17.74 -1.58 -0.06
N PRO A 241 -17.69 -0.94 -1.20
CA PRO A 241 -16.75 0.15 -1.43
C PRO A 241 -17.16 1.36 -0.69
N LEU A 242 -16.31 1.90 0.15
CA LEU A 242 -16.54 3.19 0.83
C LEU A 242 -16.18 4.30 -0.10
N GLY A 243 -15.34 4.06 -1.06
CA GLY A 243 -14.97 5.02 -2.08
C GLY A 243 -14.16 4.31 -3.08
N GLU A 244 -14.11 4.78 -4.32
CA GLU A 244 -13.40 4.14 -5.40
CA GLU A 244 -13.49 4.10 -5.45
C GLU A 244 -13.09 5.12 -6.49
N LEU A 245 -11.98 4.94 -7.14
CA LEU A 245 -11.60 5.65 -8.36
C LEU A 245 -11.75 4.81 -9.61
N GLY A 246 -11.73 5.54 -10.72
CA GLY A 246 -11.71 4.92 -12.02
C GLY A 246 -10.30 4.72 -12.56
N VAL A 247 -10.03 4.96 -13.82
CA VAL A 247 -8.74 4.76 -14.45
C VAL A 247 -7.79 5.91 -14.53
N GLU A 248 -8.28 7.08 -14.13
CA GLU A 248 -7.42 8.25 -14.26
C GLU A 248 -6.79 8.68 -12.99
N PRO A 249 -5.77 9.52 -12.98
CA PRO A 249 -5.16 10.00 -11.78
C PRO A 249 -6.17 10.59 -10.85
N GLY A 250 -6.05 10.37 -9.55
CA GLY A 250 -6.95 10.99 -8.62
C GLY A 250 -6.56 10.80 -7.16
N LEU A 251 -7.23 11.48 -6.27
CA LEU A 251 -6.99 11.48 -4.86
C LEU A 251 -8.27 11.14 -4.22
N LEU A 252 -8.38 9.90 -3.72
CA LEU A 252 -9.59 9.38 -3.11
C LEU A 252 -9.58 9.70 -1.61
N VAL A 253 -10.57 10.39 -1.08
CA VAL A 253 -10.59 10.74 0.31
C VAL A 253 -11.84 10.14 0.89
N VAL A 254 -11.70 9.35 1.98
CA VAL A 254 -12.79 8.60 2.57
C VAL A 254 -12.78 8.79 4.06
N ASP A 255 -14.01 9.06 4.61
CA ASP A 255 -14.19 9.06 6.05
C ASP A 255 -14.56 7.61 6.52
N LEU A 256 -13.80 7.11 7.42
CA LEU A 256 -14.12 5.77 7.97
C LEU A 256 -15.08 5.99 9.18
N PRO A 257 -16.06 5.11 9.27
CA PRO A 257 -16.94 5.24 10.50
C PRO A 257 -16.29 4.75 11.80
N ALA A 268 -20.88 -13.13 11.76
CA ALA A 268 -20.13 -14.33 12.30
C ALA A 268 -18.77 -13.89 12.84
N ASP A 269 -18.32 -14.52 13.92
CA ASP A 269 -17.06 -14.19 14.51
C ASP A 269 -16.06 -15.15 13.92
N TYR A 270 -15.69 -14.88 12.66
CA TYR A 270 -14.75 -15.72 11.98
C TYR A 270 -13.38 -15.81 12.69
N LEU A 271 -12.92 -14.66 13.21
CA LEU A 271 -11.61 -14.67 13.81
C LEU A 271 -11.49 -15.57 15.07
N GLN A 272 -12.58 -15.60 15.82
CA GLN A 272 -12.64 -16.52 16.99
C GLN A 272 -12.95 -17.92 16.60
N ASP A 273 -13.92 -18.08 15.69
CA ASP A 273 -14.37 -19.43 15.41
C ASP A 273 -13.40 -20.30 14.64
N ARG A 274 -12.58 -19.67 13.80
CA ARG A 274 -11.62 -20.41 12.99
C ARG A 274 -10.83 -21.41 13.83
N ARG A 275 -10.73 -22.66 13.37
CA ARG A 275 -9.97 -23.67 14.14
C ARG A 275 -8.52 -23.62 13.70
N ALA A 276 -7.83 -22.58 14.15
CA ALA A 276 -6.47 -22.31 13.67
C ALA A 276 -5.47 -23.39 13.98
N GLU A 277 -5.68 -24.12 15.06
CA GLU A 277 -4.74 -25.20 15.29
C GLU A 277 -4.85 -26.36 14.39
N LEU A 278 -6.02 -26.56 13.74
CA LEU A 278 -6.14 -27.52 12.67
C LEU A 278 -5.70 -26.94 11.35
N HIS A 279 -6.18 -25.70 11.08
CA HIS A 279 -5.85 -25.09 9.79
C HIS A 279 -4.35 -25.04 9.53
N ARG A 280 -3.60 -24.77 10.56
CA ARG A 280 -2.20 -24.64 10.36
C ARG A 280 -1.52 -25.92 9.94
N ASN A 281 -2.11 -27.05 10.25
CA ASN A 281 -1.63 -28.30 9.82
C ASN A 281 -2.04 -28.71 8.44
N TRP A 282 -3.03 -28.00 7.85
CA TRP A 282 -3.62 -28.41 6.61
C TRP A 282 -3.29 -27.54 5.40
N LEU A 283 -2.52 -26.50 5.61
CA LEU A 283 -2.08 -25.68 4.46
C LEU A 283 -1.00 -26.35 3.72
#